data_6N43
#
_entry.id   6N43
#
_cell.length_a   131.161
_cell.length_b   131.161
_cell.length_c   34.177
_cell.angle_alpha   90.000
_cell.angle_beta   90.000
_cell.angle_gamma   120.000
#
_symmetry.space_group_name_H-M   'P 65'
#
loop_
_entity.id
_entity.type
_entity.pdbx_description
1 polymer 'Cysteine dioxygenase type 1'
2 non-polymer CYSTEINE
3 non-polymer 'FE (III) ION'
4 non-polymer 'NITRIC OXIDE'
5 non-polymer 'SULFATE ION'
6 water water
#
_entity_poly.entity_id   1
_entity_poly.type   'polypeptide(L)'
_entity_poly.pdbx_seq_one_letter_code
;SEQTEVLKPRTLADLIRILHQLFAGDEVNVEEVQAIMEAYESDPTEWAMYAKFDQYRYTRNLVDQGNGKFNLMILCWGEG
HGSSIHDHTNSHCFLKMLQGNLKETLFAWPDKKSNEMVKKSERVLRENQCAYINDSVGLHRVENISHTEPAVSLHLYSPP
FDTCHAFDQRTGHKNKVTMTFHSKFGIRTPNATSGSLENN
;
_entity_poly.pdbx_strand_id   A
#
loop_
_chem_comp.id
_chem_comp.type
_chem_comp.name
_chem_comp.formula
FE non-polymer 'FE (III) ION' 'Fe 3'
NO non-polymer 'NITRIC OXIDE' 'N O'
SO4 non-polymer 'SULFATE ION' 'O4 S -2'
#
# COMPACT_ATOMS: atom_id res chain seq x y z
N VAL A 6 -19.13 11.37 -7.26
CA VAL A 6 -17.73 11.26 -6.83
C VAL A 6 -16.80 12.06 -7.75
N LEU A 7 -15.90 12.82 -7.15
CA LEU A 7 -14.94 13.62 -7.90
C LEU A 7 -13.93 12.70 -8.60
N LYS A 8 -13.87 12.76 -9.93
CA LYS A 8 -13.03 11.82 -10.65
C LYS A 8 -11.73 12.47 -11.11
N PRO A 9 -10.60 12.13 -10.52
CA PRO A 9 -9.33 12.66 -11.03
C PRO A 9 -9.09 12.15 -12.43
N ARG A 10 -8.74 13.06 -13.34
CA ARG A 10 -8.47 12.63 -14.71
C ARG A 10 -7.02 12.19 -14.89
N THR A 11 -6.10 12.71 -14.07
CA THR A 11 -4.71 12.27 -14.10
C THR A 11 -4.22 11.99 -12.68
N LEU A 12 -3.10 11.29 -12.60
CA LEU A 12 -2.42 11.11 -11.32
C LEU A 12 -2.13 12.45 -10.67
N ALA A 13 -1.76 13.45 -11.48
CA ALA A 13 -1.56 14.82 -11.00
C ALA A 13 -2.82 15.37 -10.33
N ASP A 14 -3.98 15.18 -10.97
CA ASP A 14 -5.25 15.58 -10.37
C ASP A 14 -5.44 14.93 -9.01
N LEU A 15 -5.24 13.62 -8.95
CA LEU A 15 -5.39 12.89 -7.70
C LEU A 15 -4.52 13.49 -6.60
N ILE A 16 -3.25 13.71 -6.90
CA ILE A 16 -2.34 14.27 -5.90
C ILE A 16 -2.88 15.60 -5.39
N ARG A 17 -3.36 16.45 -6.30
CA ARG A 17 -3.91 17.74 -5.89
C ARG A 17 -5.14 17.57 -5.00
N ILE A 18 -6.05 16.66 -5.38
CA ILE A 18 -7.22 16.43 -4.54
C ILE A 18 -6.81 15.92 -3.17
N LEU A 19 -5.83 15.02 -3.14
CA LEU A 19 -5.34 14.49 -1.87
C LEU A 19 -4.76 15.61 -1.01
N HIS A 20 -4.06 16.56 -1.63
CA HIS A 20 -3.54 17.68 -0.85
C HIS A 20 -4.65 18.47 -0.19
N GLN A 21 -5.86 18.46 -0.75
CA GLN A 21 -6.97 19.13 -0.09
C GLN A 21 -7.57 18.28 1.02
N LEU A 22 -7.84 17.01 0.74
CA LEU A 22 -8.57 16.20 1.72
C LEU A 22 -7.76 15.94 2.99
N PHE A 23 -6.43 16.04 2.92
CA PHE A 23 -5.59 15.83 4.10
C PHE A 23 -5.03 17.12 4.67
N ALA A 24 -5.45 18.28 4.13
CA ALA A 24 -4.97 19.55 4.65
C ALA A 24 -5.53 19.82 6.03
N GLY A 25 -6.69 19.25 6.34
CA GLY A 25 -7.35 19.48 7.62
C GLY A 25 -6.91 18.52 8.69
N ASP A 26 -7.72 18.44 9.76
CA ASP A 26 -7.48 17.55 10.87
C ASP A 26 -8.33 16.28 10.81
N GLU A 27 -9.44 16.29 10.06
CA GLU A 27 -10.25 15.11 9.84
C GLU A 27 -9.98 14.59 8.43
N VAL A 28 -10.02 13.27 8.26
CA VAL A 28 -10.00 12.66 6.94
C VAL A 28 -11.19 11.71 6.82
N ASN A 29 -11.96 11.87 5.75
CA ASN A 29 -13.09 11.00 5.45
C ASN A 29 -12.58 9.80 4.65
N VAL A 30 -12.42 8.67 5.35
CA VAL A 30 -11.83 7.47 4.75
C VAL A 30 -12.57 7.08 3.48
N GLU A 31 -13.89 7.00 3.55
CA GLU A 31 -14.65 6.56 2.40
C GLU A 31 -14.50 7.53 1.23
N GLU A 32 -14.44 8.82 1.51
CA GLU A 32 -14.29 9.81 0.45
C GLU A 32 -12.94 9.64 -0.26
N VAL A 33 -11.85 9.55 0.51
CA VAL A 33 -10.53 9.32 -0.09
C VAL A 33 -10.54 8.02 -0.90
N GLN A 34 -11.07 6.97 -0.30
CA GLN A 34 -11.11 5.67 -0.97
C GLN A 34 -11.79 5.79 -2.34
N ALA A 35 -12.95 6.44 -2.40
CA ALA A 35 -13.67 6.56 -3.66
C ALA A 35 -12.88 7.36 -4.68
N ILE A 36 -12.16 8.40 -4.24
CA ILE A 36 -11.48 9.27 -5.19
C ILE A 36 -10.22 8.57 -5.72
N MET A 37 -9.47 7.90 -4.83
CA MET A 37 -8.41 7.00 -5.26
C MET A 37 -8.91 6.03 -6.32
N GLU A 38 -10.01 5.35 -6.02
CA GLU A 38 -10.53 4.33 -6.91
C GLU A 38 -11.00 4.93 -8.22
N ALA A 39 -11.53 6.16 -8.21
CA ALA A 39 -12.08 6.75 -9.42
C ALA A 39 -10.99 7.12 -10.42
N TYR A 40 -9.77 7.37 -9.96
CA TYR A 40 -8.67 7.62 -10.88
C TYR A 40 -8.44 6.37 -11.72
N GLU A 41 -8.45 6.51 -13.05
CA GLU A 41 -8.22 5.36 -13.91
C GLU A 41 -6.73 5.24 -14.16
N SER A 42 -6.14 4.17 -13.63
CA SER A 42 -4.72 3.92 -13.78
C SER A 42 -4.28 4.11 -15.23
N ASP A 43 -3.24 4.92 -15.41
CA ASP A 43 -2.69 5.23 -16.72
C ASP A 43 -1.19 5.02 -16.65
N PRO A 44 -0.70 3.88 -17.16
CA PRO A 44 0.74 3.58 -17.10
C PRO A 44 1.61 4.68 -17.67
N THR A 45 1.11 5.45 -18.65
CA THR A 45 1.91 6.57 -19.17
C THR A 45 2.19 7.59 -18.09
N GLU A 46 1.28 7.76 -17.13
CA GLU A 46 1.48 8.75 -16.08
C GLU A 46 2.42 8.24 -14.99
N TRP A 47 2.50 6.93 -14.75
CA TRP A 47 3.27 6.48 -13.59
C TRP A 47 4.43 5.56 -13.92
N ALA A 48 4.71 5.30 -15.20
CA ALA A 48 5.83 4.41 -15.55
C ALA A 48 7.16 4.93 -15.01
N MET A 49 7.30 6.24 -14.84
CA MET A 49 8.54 6.76 -14.26
C MET A 49 8.78 6.23 -12.85
N TYR A 50 7.74 5.81 -12.14
CA TYR A 50 7.88 5.27 -10.80
C TYR A 50 7.98 3.75 -10.77
N ALA A 51 7.79 3.08 -11.90
CA ALA A 51 7.66 1.62 -11.92
C ALA A 51 9.04 0.97 -12.07
N LYS A 52 9.81 1.02 -10.98
CA LYS A 52 11.18 0.51 -10.95
C LYS A 52 11.20 -0.78 -10.15
N PHE A 53 11.34 -1.90 -10.85
CA PHE A 53 11.25 -3.23 -10.25
C PHE A 53 12.62 -3.76 -9.84
N ASP A 54 12.58 -4.75 -8.96
CA ASP A 54 13.75 -5.49 -8.52
C ASP A 54 13.47 -6.97 -8.70
N GLN A 55 14.51 -7.75 -9.00
CA GLN A 55 14.32 -9.15 -9.33
C GLN A 55 13.71 -9.93 -8.15
N TYR A 56 14.14 -9.63 -6.92
CA TYR A 56 13.90 -10.52 -5.80
C TYR A 56 12.82 -10.07 -4.81
N ARG A 57 12.57 -8.77 -4.69
CA ARG A 57 11.62 -8.28 -3.70
C ARG A 57 10.79 -7.18 -4.33
N TYR A 58 9.66 -6.88 -3.72
CA TYR A 58 8.89 -5.75 -4.23
C TYR A 58 9.58 -4.45 -3.85
N THR A 59 9.26 -3.38 -4.58
CA THR A 59 9.91 -2.10 -4.33
C THR A 59 8.90 -1.05 -3.93
N ARG A 60 9.37 -0.06 -3.18
CA ARG A 60 8.56 1.07 -2.75
C ARG A 60 9.13 2.32 -3.39
N ASN A 61 8.30 3.05 -4.11
CA ASN A 61 8.77 4.18 -4.92
C ASN A 61 7.95 5.41 -4.57
N LEU A 62 8.58 6.33 -3.85
CA LEU A 62 7.90 7.52 -3.37
C LEU A 62 7.49 8.41 -4.54
N VAL A 63 6.24 8.87 -4.51
CA VAL A 63 5.71 9.76 -5.53
C VAL A 63 5.57 11.19 -5.02
N ASP A 64 5.08 11.36 -3.80
CA ASP A 64 4.76 12.66 -3.24
C ASP A 64 4.78 12.56 -1.72
N GLN A 65 5.32 13.60 -1.06
CA GLN A 65 5.44 13.66 0.39
C GLN A 65 4.28 14.41 1.05
N GLY A 66 3.32 14.88 0.26
CA GLY A 66 2.03 15.32 0.80
C GLY A 66 2.10 16.42 1.82
N ASN A 67 3.19 17.20 1.82
CA ASN A 67 3.35 18.28 2.78
C ASN A 67 3.39 17.71 4.21
N GLY A 68 4.03 16.55 4.37
CA GLY A 68 4.13 15.89 5.65
C GLY A 68 2.84 15.31 6.17
N LYS A 69 1.73 15.60 5.51
CA LYS A 69 0.47 15.03 5.98
C LYS A 69 0.33 13.57 5.60
N PHE A 70 0.93 13.16 4.48
CA PHE A 70 0.76 11.81 3.99
C PHE A 70 1.93 11.49 3.08
N ASN A 71 2.10 10.20 2.81
CA ASN A 71 3.04 9.72 1.81
C ASN A 71 2.24 9.02 0.72
N LEU A 72 2.58 9.30 -0.52
CA LEU A 72 1.99 8.63 -1.68
C LEU A 72 3.11 7.91 -2.39
N MET A 73 2.96 6.61 -2.55
CA MET A 73 4.02 5.81 -3.13
C MET A 73 3.41 4.76 -4.03
N ILE A 74 4.23 4.28 -4.95
CA ILE A 74 3.85 3.20 -5.85
C ILE A 74 4.69 2.00 -5.51
N LEU A 75 4.06 0.84 -5.39
CA LEU A 75 4.75 -0.40 -5.06
C LEU A 75 4.78 -1.32 -6.28
N CYS A 76 5.95 -1.88 -6.57
CA CYS A 76 6.14 -2.70 -7.76
C CYS A 76 6.41 -4.13 -7.36
N TRP A 77 5.51 -5.04 -7.76
CA TRP A 77 5.54 -6.44 -7.33
C TRP A 77 5.96 -7.29 -8.52
N GLY A 78 7.21 -7.76 -8.50
CA GLY A 78 7.65 -8.71 -9.49
C GLY A 78 6.79 -9.96 -9.44
N GLU A 79 6.99 -10.82 -10.44
CA GLU A 79 6.26 -12.08 -10.47
C GLU A 79 6.50 -12.87 -9.19
N GLY A 80 5.41 -13.36 -8.60
CA GLY A 80 5.46 -14.10 -7.35
C GLY A 80 5.81 -13.33 -6.09
N HIS A 81 6.01 -12.02 -6.17
CA HIS A 81 6.46 -11.26 -5.01
C HIS A 81 5.31 -11.04 -4.03
N GLY A 82 5.63 -11.09 -2.74
CA GLY A 82 4.65 -10.82 -1.70
C GLY A 82 5.30 -10.14 -0.53
N SER A 83 4.46 -9.55 0.33
CA SER A 83 4.92 -8.99 1.59
C SER A 83 4.87 -10.03 2.70
N SER A 84 5.50 -9.70 3.81
CA SER A 84 5.23 -10.41 5.05
C SER A 84 3.90 -9.94 5.65
N ILE A 85 3.46 -10.66 6.69
CA ILE A 85 2.33 -10.19 7.50
C ILE A 85 2.81 -9.01 8.33
N HIS A 86 2.14 -7.86 8.18
CA HIS A 86 2.63 -6.64 8.82
C HIS A 86 1.48 -5.77 9.33
N ASP A 87 1.84 -4.81 10.19
CA ASP A 87 0.90 -3.81 10.69
C ASP A 87 1.19 -2.49 9.99
N HIS A 88 0.52 -1.43 10.44
CA HIS A 88 0.67 -0.16 9.72
C HIS A 88 0.86 1.01 10.68
N THR A 89 1.47 0.76 11.84
CA THR A 89 2.02 1.78 12.72
C THR A 89 1.04 2.93 12.96
N ASN A 90 -0.21 2.55 13.25
CA ASN A 90 -1.25 3.48 13.69
C ASN A 90 -1.65 4.49 12.62
N SER A 91 -1.30 4.26 11.36
CA SER A 91 -1.70 5.16 10.29
C SER A 91 -2.88 4.62 9.50
N HIS A 92 -3.57 5.54 8.82
CA HIS A 92 -4.39 5.20 7.67
C HIS A 92 -3.51 4.59 6.58
N CYS A 93 -4.04 3.58 5.88
CA CYS A 93 -3.31 3.02 4.73
C CYS A 93 -4.30 2.64 3.64
N PHE A 94 -4.21 3.34 2.50
CA PHE A 94 -4.97 3.04 1.30
C PHE A 94 -4.05 2.39 0.29
N LEU A 95 -4.55 1.38 -0.41
CA LEU A 95 -3.78 0.78 -1.50
C LEU A 95 -4.70 0.54 -2.68
N LYS A 96 -4.31 1.06 -3.85
CA LYS A 96 -5.10 0.99 -5.06
C LYS A 96 -4.34 0.24 -6.15
N MET A 97 -5.03 -0.64 -6.86
CA MET A 97 -4.39 -1.34 -7.97
C MET A 97 -4.17 -0.37 -9.13
N LEU A 98 -2.97 -0.41 -9.70
CA LEU A 98 -2.63 0.27 -10.95
C LEU A 98 -2.40 -0.67 -12.12
N GLN A 99 -1.86 -1.87 -11.85
CA GLN A 99 -1.67 -2.91 -12.86
C GLN A 99 -1.65 -4.26 -12.15
N GLY A 100 -2.25 -5.27 -12.78
CA GLY A 100 -2.23 -6.60 -12.20
C GLY A 100 -3.21 -6.73 -11.05
N ASN A 101 -2.94 -7.70 -10.18
CA ASN A 101 -3.84 -7.97 -9.06
C ASN A 101 -3.05 -8.46 -7.85
N LEU A 102 -3.40 -7.93 -6.68
CA LEU A 102 -2.87 -8.37 -5.41
C LEU A 102 -3.93 -9.15 -4.63
N LYS A 103 -3.49 -10.23 -4.01
CA LYS A 103 -4.31 -10.92 -3.04
C LYS A 103 -4.02 -10.33 -1.68
N GLU A 104 -5.06 -9.92 -0.98
CA GLU A 104 -4.92 -9.46 0.39
C GLU A 104 -5.43 -10.53 1.35
N THR A 105 -4.58 -10.92 2.29
CA THR A 105 -4.99 -11.83 3.35
C THR A 105 -4.99 -11.04 4.65
N LEU A 106 -6.18 -10.87 5.24
CA LEU A 106 -6.34 -10.19 6.51
C LEU A 106 -6.12 -11.18 7.64
N PHE A 107 -5.26 -10.80 8.59
CA PHE A 107 -4.98 -11.63 9.77
C PHE A 107 -5.45 -10.94 11.04
N ALA A 108 -5.79 -11.74 12.04
CA ALA A 108 -6.07 -11.21 13.37
C ALA A 108 -4.76 -10.99 14.12
N TRP A 109 -4.84 -10.17 15.20
CA TRP A 109 -3.64 -9.89 15.96
C TRP A 109 -3.30 -11.07 16.88
N PRO A 110 -2.01 -11.37 17.08
CA PRO A 110 -1.62 -12.39 18.05
C PRO A 110 -1.77 -11.93 19.50
N ASP A 111 -1.90 -12.92 20.39
CA ASP A 111 -1.80 -12.71 21.83
C ASP A 111 -0.34 -12.73 22.26
N LYS A 112 -0.12 -12.58 23.57
CA LYS A 112 1.20 -12.90 24.13
C LYS A 112 1.54 -14.38 23.93
N LYS A 113 0.52 -15.25 23.99
CA LYS A 113 0.72 -16.66 23.71
C LYS A 113 1.25 -16.85 22.28
N SER A 114 1.93 -17.97 22.07
CA SER A 114 2.50 -18.31 20.78
C SER A 114 1.66 -19.40 20.12
N ASN A 115 1.18 -19.14 18.91
CA ASN A 115 0.68 -20.20 18.03
C ASN A 115 0.34 -19.61 16.65
N GLU A 116 -0.24 -20.45 15.82
CA GLU A 116 -0.49 -20.13 14.42
C GLU A 116 -1.43 -18.92 14.31
N MET A 117 -1.15 -18.05 13.34
CA MET A 117 -1.95 -16.86 13.16
C MET A 117 -3.18 -17.22 12.33
N VAL A 118 -4.28 -16.53 12.59
CA VAL A 118 -5.57 -16.93 12.03
C VAL A 118 -5.97 -15.92 10.97
N LYS A 119 -6.45 -16.43 9.84
CA LYS A 119 -6.90 -15.58 8.76
C LYS A 119 -8.32 -15.11 9.06
N LYS A 120 -8.56 -13.80 8.89
CA LYS A 120 -9.89 -13.23 9.01
C LYS A 120 -10.54 -12.97 7.68
N SER A 121 -9.76 -12.80 6.61
CA SER A 121 -10.33 -12.44 5.32
C SER A 121 -9.31 -12.69 4.20
N GLU A 122 -9.83 -12.91 2.99
CA GLU A 122 -9.01 -13.23 1.83
C GLU A 122 -9.73 -12.69 0.60
N ARG A 123 -9.06 -11.85 -0.17
CA ARG A 123 -9.69 -11.29 -1.37
C ARG A 123 -8.62 -10.92 -2.38
N VAL A 124 -9.05 -10.82 -3.64
CA VAL A 124 -8.22 -10.26 -4.69
C VAL A 124 -8.71 -8.84 -4.96
N LEU A 125 -7.79 -7.91 -4.99
CA LEU A 125 -8.13 -6.54 -5.36
C LEU A 125 -8.33 -6.45 -6.86
N ARG A 126 -9.50 -5.95 -7.29
CA ARG A 126 -9.78 -5.85 -8.71
C ARG A 126 -9.01 -4.70 -9.34
N GLU A 127 -9.11 -4.62 -10.66
CA GLU A 127 -8.57 -3.50 -11.42
C GLU A 127 -9.07 -2.15 -10.88
N ASN A 128 -8.12 -1.24 -10.67
CA ASN A 128 -8.36 0.12 -10.16
C ASN A 128 -8.96 0.20 -8.75
N GLN A 129 -9.21 -0.96 -8.11
CA GLN A 129 -9.85 -0.96 -6.80
C GLN A 129 -8.95 -0.35 -5.74
N CYS A 130 -9.55 0.38 -4.81
CA CYS A 130 -8.86 0.94 -3.66
C CYS A 130 -9.33 0.27 -2.37
N ALA A 131 -8.40 -0.31 -1.64
CA ALA A 131 -8.69 -0.94 -0.37
C ALA A 131 -8.15 -0.08 0.78
N TYR A 132 -8.49 -0.46 2.00
CA TYR A 132 -8.15 0.35 3.16
C TYR A 132 -7.83 -0.55 4.35
N ILE A 133 -6.81 -0.17 5.10
CA ILE A 133 -6.49 -0.89 6.32
C ILE A 133 -5.92 0.08 7.33
N ASN A 134 -6.22 -0.18 8.60
CA ASN A 134 -5.47 0.36 9.71
C ASN A 134 -5.31 -0.75 10.74
N ASP A 135 -4.54 -0.48 11.79
CA ASP A 135 -4.27 -1.49 12.80
C ASP A 135 -5.54 -2.01 13.48
N SER A 136 -6.58 -1.18 13.58
CA SER A 136 -7.81 -1.69 14.19
C SER A 136 -8.58 -2.60 13.25
N VAL A 137 -8.37 -2.49 11.94
CA VAL A 137 -8.98 -3.43 11.01
C VAL A 137 -8.33 -4.80 11.13
N GLY A 138 -7.02 -4.83 11.27
CA GLY A 138 -6.27 -6.06 11.45
C GLY A 138 -4.89 -5.91 10.86
N LEU A 139 -4.21 -7.06 10.72
CA LEU A 139 -2.94 -7.16 10.02
C LEU A 139 -3.18 -7.71 8.62
N HIS A 140 -2.20 -7.49 7.73
CA HIS A 140 -2.37 -8.15 6.45
C HIS A 140 -1.04 -8.50 5.81
N ARG A 141 -1.14 -9.43 4.86
CA ARG A 141 -0.12 -9.77 3.88
C ARG A 141 -0.73 -9.53 2.51
N VAL A 142 0.03 -8.93 1.59
CA VAL A 142 -0.46 -8.81 0.22
C VAL A 142 0.56 -9.41 -0.74
N GLU A 143 0.05 -9.96 -1.84
CA GLU A 143 0.82 -10.82 -2.72
C GLU A 143 0.39 -10.59 -4.15
N ASN A 144 1.37 -10.49 -5.05
CA ASN A 144 1.07 -10.64 -6.47
C ASN A 144 0.41 -12.00 -6.69
N ILE A 145 -0.75 -12.01 -7.34
CA ILE A 145 -1.37 -13.29 -7.65
C ILE A 145 -0.68 -14.03 -8.78
N SER A 146 0.20 -13.36 -9.52
CA SER A 146 0.72 -13.90 -10.77
C SER A 146 2.18 -14.27 -10.63
N HIS A 147 2.54 -15.42 -11.18
CA HIS A 147 3.95 -15.78 -11.34
C HIS A 147 4.47 -15.49 -12.73
N THR A 148 3.65 -14.91 -13.60
CA THR A 148 4.04 -14.57 -14.96
C THR A 148 3.82 -13.11 -15.32
N GLU A 149 3.17 -12.33 -14.46
CA GLU A 149 2.94 -10.91 -14.72
C GLU A 149 3.22 -10.14 -13.44
N PRO A 150 3.61 -8.88 -13.55
CA PRO A 150 3.82 -8.06 -12.36
C PRO A 150 2.51 -7.49 -11.85
N ALA A 151 2.58 -6.91 -10.66
CA ALA A 151 1.50 -6.08 -10.16
C ALA A 151 2.07 -4.74 -9.74
N VAL A 152 1.25 -3.71 -9.82
CA VAL A 152 1.63 -2.36 -9.42
C VAL A 152 0.47 -1.78 -8.63
N SER A 153 0.79 -1.18 -7.48
CA SER A 153 -0.24 -0.61 -6.62
C SER A 153 0.20 0.77 -6.15
N LEU A 154 -0.78 1.61 -5.86
CA LEU A 154 -0.57 2.96 -5.37
C LEU A 154 -1.00 3.02 -3.91
N HIS A 155 -0.08 3.40 -3.03
CA HIS A 155 -0.29 3.36 -1.59
C HIS A 155 -0.23 4.74 -0.99
N LEU A 156 -1.17 5.05 -0.10
CA LEU A 156 -1.19 6.31 0.61
C LEU A 156 -1.24 6.06 2.11
N TYR A 157 -0.35 6.69 2.86
CA TYR A 157 -0.23 6.48 4.31
C TYR A 157 -0.29 7.82 5.03
N SER A 158 -1.10 7.87 6.08
CA SER A 158 -1.30 9.12 6.78
C SER A 158 -1.52 8.84 8.26
N PRO A 159 -0.64 9.34 9.16
CA PRO A 159 0.62 10.05 8.87
C PRO A 159 1.60 9.13 8.16
N PRO A 160 2.68 9.67 7.61
CA PRO A 160 3.71 8.79 7.03
C PRO A 160 4.42 8.01 8.14
N PHE A 161 4.91 6.83 7.79
CA PHE A 161 5.64 6.00 8.75
C PHE A 161 6.72 5.21 8.02
N ASP A 162 7.87 5.05 8.67
CA ASP A 162 9.00 4.36 8.07
C ASP A 162 9.43 3.12 8.85
N THR A 163 8.69 2.73 9.90
CA THR A 163 8.89 1.44 10.54
C THR A 163 7.54 0.75 10.71
N CYS A 164 7.57 -0.57 10.70
CA CYS A 164 6.39 -1.39 11.01
C CYS A 164 6.90 -2.71 11.58
N HIS A 165 5.98 -3.63 11.85
CA HIS A 165 6.33 -4.94 12.38
C HIS A 165 5.97 -6.03 11.39
N ALA A 166 6.88 -6.98 11.22
CA ALA A 166 6.62 -8.20 10.47
C ALA A 166 6.32 -9.34 11.45
N PHE A 167 5.36 -10.19 11.10
CA PHE A 167 4.84 -11.21 12.00
C PHE A 167 5.11 -12.60 11.43
N ASP A 168 5.62 -13.49 12.28
CA ASP A 168 5.85 -14.88 11.92
C ASP A 168 4.51 -15.64 11.98
N GLN A 169 4.05 -16.11 10.82
CA GLN A 169 2.74 -16.76 10.75
C GLN A 169 2.63 -17.96 11.68
N ARG A 170 3.75 -18.61 12.03
CA ARG A 170 3.69 -19.84 12.83
C ARG A 170 3.52 -19.57 14.32
N THR A 171 3.89 -18.40 14.81
CA THR A 171 3.94 -18.15 16.24
C THR A 171 3.22 -16.87 16.60
N GLY A 172 3.16 -15.94 15.65
CA GLY A 172 2.69 -14.61 15.93
C GLY A 172 3.74 -13.67 16.48
N HIS A 173 4.97 -14.14 16.66
CA HIS A 173 6.03 -13.25 17.13
C HIS A 173 6.35 -12.23 16.05
N LYS A 174 6.79 -11.05 16.46
CA LYS A 174 6.97 -9.96 15.53
C LYS A 174 8.37 -9.38 15.65
N ASN A 175 8.77 -8.65 14.60
CA ASN A 175 10.06 -7.95 14.54
C ASN A 175 9.83 -6.56 14.00
N LYS A 176 10.54 -5.58 14.56
CA LYS A 176 10.53 -4.24 13.99
C LYS A 176 11.32 -4.23 12.70
N VAL A 177 10.76 -3.60 11.68
CA VAL A 177 11.32 -3.56 10.34
C VAL A 177 11.39 -2.09 9.93
N THR A 178 12.55 -1.66 9.45
CA THR A 178 12.69 -0.32 8.92
C THR A 178 12.40 -0.36 7.43
N MET A 179 11.46 0.47 6.98
CA MET A 179 11.04 0.49 5.59
C MET A 179 11.83 1.55 4.83
N THR A 180 12.34 1.15 3.67
CA THR A 180 13.19 1.99 2.85
C THR A 180 12.52 2.23 1.51
N PHE A 181 13.04 3.19 0.77
CA PHE A 181 12.52 3.52 -0.55
C PHE A 181 13.50 3.05 -1.63
N HIS A 182 12.96 2.36 -2.63
CA HIS A 182 13.77 1.98 -3.79
C HIS A 182 14.09 3.19 -4.65
N SER A 183 13.24 4.20 -4.61
CA SER A 183 13.39 5.37 -5.45
C SER A 183 12.45 6.45 -4.91
N LYS A 184 12.79 7.69 -5.20
CA LYS A 184 12.01 8.84 -4.78
C LYS A 184 11.84 9.78 -5.97
N PHE A 185 10.60 10.09 -6.30
CA PHE A 185 10.33 11.03 -7.39
C PHE A 185 10.96 10.54 -8.69
N GLY A 186 11.01 9.22 -8.88
CA GLY A 186 11.56 8.63 -10.09
C GLY A 186 13.06 8.46 -10.09
N ILE A 187 13.74 8.71 -8.98
CA ILE A 187 15.19 8.64 -8.90
C ILE A 187 15.59 7.53 -7.94
N ARG A 188 16.43 6.60 -8.41
CA ARG A 188 16.95 5.53 -7.57
C ARG A 188 17.63 6.10 -6.32
N THR A 189 17.47 5.38 -5.16
CA THR A 189 18.03 5.81 -3.90
C THR A 189 19.28 5.00 -3.54
N PRO A 190 20.19 5.58 -2.72
CA PRO A 190 21.28 4.83 -2.08
C PRO A 190 20.82 3.55 -1.38
N CYS B . 2.26 -1.76 3.88
CA CYS B . 3.24 -2.35 2.96
C CYS B . 4.29 -1.32 2.58
O CYS B . 4.00 -0.13 2.50
CB CYS B . 2.58 -2.89 1.68
SG CYS B . 1.05 -3.80 1.92
OXT CYS B . 5.44 -1.69 2.30
FE FE C . 0.39 -3.20 4.11
N NO D . -0.57 -1.84 3.11
O NO D . -0.68 -1.62 1.98
S SO4 E . -12.37 -2.05 2.05
O1 SO4 E . -12.73 -0.82 2.74
O2 SO4 E . -12.84 -3.21 2.79
O3 SO4 E . -10.91 -2.12 1.95
O4 SO4 E . -13.05 -2.05 0.76
S SO4 F . 22.49 -15.03 -9.36
O1 SO4 F . 21.72 -16.25 -9.03
O2 SO4 F . 23.36 -14.66 -8.25
O3 SO4 F . 21.57 -13.92 -9.63
O4 SO4 F . 23.30 -15.29 -10.57
S SO4 G . -6.46 -11.73 -20.13
O1 SO4 G . -7.50 -10.70 -20.27
O2 SO4 G . -6.95 -12.71 -19.16
O3 SO4 G . -5.21 -11.14 -19.66
O4 SO4 G . -6.21 -12.38 -21.43
#